data_3A9B
#
_entry.id   3A9B
#
_cell.length_a   44.168
_cell.length_b   45.395
_cell.length_c   49.128
_cell.angle_alpha   77.57
_cell.angle_beta   86.91
_cell.angle_gamma   68.60
#
_symmetry.space_group_name_H-M   'P 1'
#
loop_
_entity.id
_entity.type
_entity.pdbx_description
1 polymer Cellobiohydrolase
2 branched beta-D-glucopyranose-(1-4)-beta-D-glucopyranose
3 non-polymer 'MAGNESIUM ION'
4 non-polymer beta-D-glucopyranose
5 water water
#
_entity_poly.entity_id   1
_entity_poly.type   'polypeptide(L)'
_entity_poly.pdbx_seq_one_letter_code
;APSASFERRQGSVNPYIGRSPLVIKSYAEKLEETIAYFEAQGDELNAARTRTVQGIPTFAWISDSATIDTIQPLIADAVA
HQEASGEQVLVQLVIYNLPDRDCAAKASDGEFHLDDDGANKYRAYVDRIVAELSTADADKLHFSIVLEPDSLGNMVTNMH
VPKCQGAATAYKEGIAYTIASLQKPNIDLYIDAAHGGWLGWNDNLRPSAEIFKETLDLARQITPNATVRGLAINVSNYNP
YKTRAREDYTEWNNAYDEWNYVKTLTPHLQAVGFPAQFIVDQGRSGREGIRTEWGQWCNIRNAGFGIRPTTDQAIVDSAN
VDAIVWVKPGGESDGTSDVNAVRFDENCRSPASHVPAPEAGEWFNEFVVNLVINANPPLEPTYAAAALEHHHHHH
;
_entity_poly.pdbx_strand_id   A
#
loop_
_chem_comp.id
_chem_comp.type
_chem_comp.name
_chem_comp.formula
BGC D-saccharide, beta linking beta-D-glucopyranose 'C6 H12 O6'
MG non-polymer 'MAGNESIUM ION' 'Mg 2'
#
# COMPACT_ATOMS: atom_id res chain seq x y z
N SER A 12 -13.12 18.95 -0.05
CA SER A 12 -12.18 17.86 -0.44
C SER A 12 -12.61 17.21 -1.75
N VAL A 13 -11.68 17.12 -2.70
CA VAL A 13 -11.96 16.59 -4.04
C VAL A 13 -11.05 15.39 -4.35
N ASN A 14 -11.49 14.51 -5.26
CA ASN A 14 -10.71 13.36 -5.71
C ASN A 14 -9.42 13.81 -6.38
N PRO A 15 -8.29 13.71 -5.64
CA PRO A 15 -7.05 14.24 -6.17
C PRO A 15 -6.50 13.45 -7.34
N TYR A 16 -7.03 12.25 -7.57
CA TYR A 16 -6.56 11.43 -8.66
C TYR A 16 -7.09 11.85 -10.02
N ILE A 17 -8.20 12.58 -10.06
CA ILE A 17 -8.81 12.89 -11.36
C ILE A 17 -7.93 13.86 -12.15
N GLY A 18 -7.59 13.45 -13.38
CA GLY A 18 -6.77 14.27 -14.24
C GLY A 18 -5.28 14.24 -13.94
N ARG A 19 -4.91 13.62 -12.80
CA ARG A 19 -3.51 13.55 -12.36
CA ARG A 19 -3.51 13.61 -12.44
C ARG A 19 -2.80 12.35 -12.96
N SER A 20 -1.47 12.44 -13.00
CA SER A 20 -0.64 11.36 -13.53
C SER A 20 0.25 10.86 -12.40
N PRO A 21 -0.16 9.76 -11.73
CA PRO A 21 0.67 9.22 -10.67
C PRO A 21 2.08 8.87 -11.15
N LEU A 22 3.07 9.15 -10.31
CA LEU A 22 4.45 9.10 -10.72
C LEU A 22 4.93 7.66 -10.89
N VAL A 23 5.56 7.39 -12.03
CA VAL A 23 6.29 6.14 -12.19
C VAL A 23 7.58 6.24 -11.37
N ILE A 24 7.80 5.24 -10.50
CA ILE A 24 8.98 5.18 -9.62
C ILE A 24 10.13 4.57 -10.41
N LYS A 25 11.08 5.41 -10.81
CA LYS A 25 12.18 5.03 -11.70
CA LYS A 25 12.13 4.97 -11.73
C LYS A 25 12.99 3.84 -11.17
N SER A 26 13.28 3.86 -9.87
CA SER A 26 14.08 2.80 -9.26
C SER A 26 13.37 1.44 -9.31
N TYR A 27 12.04 1.47 -9.23
CA TYR A 27 11.24 0.25 -9.41
C TYR A 27 11.22 -0.20 -10.88
N ALA A 28 10.96 0.73 -11.80
CA ALA A 28 10.94 0.41 -13.23
C ALA A 28 12.25 -0.25 -13.71
N GLU A 29 13.37 0.22 -13.17
CA GLU A 29 14.67 -0.32 -13.54
C GLU A 29 14.82 -1.80 -13.17
N LYS A 30 14.21 -2.19 -12.05
CA LYS A 30 14.27 -3.58 -11.60
C LYS A 30 13.65 -4.54 -12.61
N LEU A 31 12.65 -4.06 -13.34
CA LEU A 31 11.94 -4.88 -14.33
C LEU A 31 12.76 -5.17 -15.58
N GLU A 32 13.92 -4.52 -15.75
CA GLU A 32 14.81 -4.87 -16.86
C GLU A 32 15.25 -6.32 -16.78
N GLU A 33 15.40 -6.84 -15.56
CA GLU A 33 15.75 -8.24 -15.36
C GLU A 33 14.65 -9.17 -15.88
N THR A 34 13.40 -8.75 -15.67
CA THR A 34 12.23 -9.53 -16.11
C THR A 34 12.10 -9.49 -17.63
N ILE A 35 12.30 -8.32 -18.22
CA ILE A 35 12.34 -8.19 -19.68
C ILE A 35 13.41 -9.12 -20.27
N ALA A 36 14.61 -9.11 -19.68
CA ALA A 36 15.70 -9.93 -20.19
C ALA A 36 15.36 -11.42 -20.10
N TYR A 37 14.72 -11.84 -19.01
CA TYR A 37 14.25 -13.22 -18.89
C TYR A 37 13.33 -13.59 -20.04
N PHE A 38 12.30 -12.78 -20.29
CA PHE A 38 11.34 -13.11 -21.34
C PHE A 38 11.98 -13.12 -22.73
N GLU A 39 12.86 -12.17 -22.98
CA GLU A 39 13.59 -12.12 -24.25
C GLU A 39 14.39 -13.41 -24.46
N ALA A 40 15.05 -13.89 -23.41
CA ALA A 40 15.84 -15.13 -23.48
C ALA A 40 14.97 -16.37 -23.70
N GLN A 41 13.69 -16.30 -23.32
CA GLN A 41 12.75 -17.39 -23.55
C GLN A 41 12.16 -17.36 -24.96
N GLY A 42 12.50 -16.33 -25.74
CA GLY A 42 11.90 -16.10 -27.05
C GLY A 42 10.44 -15.69 -26.93
N ASP A 43 10.13 -14.93 -25.89
CA ASP A 43 8.76 -14.55 -25.54
C ASP A 43 8.65 -13.03 -25.62
N GLU A 44 8.44 -12.54 -26.84
CA GLU A 44 8.39 -11.10 -27.05
C GLU A 44 7.10 -10.48 -26.51
N LEU A 45 6.01 -11.22 -26.49
CA LEU A 45 4.77 -10.68 -25.95
C LEU A 45 4.91 -10.37 -24.47
N ASN A 46 5.42 -11.32 -23.69
CA ASN A 46 5.60 -11.06 -22.26
C ASN A 46 6.71 -10.04 -21.98
N ALA A 47 7.73 -9.99 -22.81
CA ALA A 47 8.72 -8.91 -22.72
C ALA A 47 8.04 -7.55 -22.89
N ALA A 48 7.16 -7.47 -23.87
CA ALA A 48 6.43 -6.23 -24.15
C ALA A 48 5.42 -5.89 -23.06
N ARG A 49 4.81 -6.92 -22.46
CA ARG A 49 3.90 -6.71 -21.34
C ARG A 49 4.66 -6.16 -20.13
N THR A 50 5.89 -6.62 -19.96
CA THR A 50 6.73 -6.16 -18.86
C THR A 50 7.11 -4.69 -19.09
N ARG A 51 7.36 -4.32 -20.33
CA ARG A 51 7.56 -2.91 -20.66
C ARG A 51 6.33 -2.07 -20.27
N THR A 52 5.13 -2.59 -20.51
CA THR A 52 3.92 -1.92 -20.05
C THR A 52 3.98 -1.69 -18.54
N VAL A 53 4.35 -2.74 -17.80
CA VAL A 53 4.44 -2.65 -16.34
C VAL A 53 5.42 -1.55 -15.91
N GLN A 54 6.52 -1.40 -16.63
CA GLN A 54 7.47 -0.33 -16.32
C GLN A 54 6.84 1.05 -16.32
N GLY A 55 5.81 1.23 -17.14
CA GLY A 55 5.11 2.52 -17.22
C GLY A 55 3.92 2.68 -16.29
N ILE A 56 3.67 1.69 -15.43
CA ILE A 56 2.56 1.73 -14.49
CA ILE A 56 2.55 1.75 -14.50
C ILE A 56 3.02 2.31 -13.15
N PRO A 57 2.36 3.37 -12.66
CA PRO A 57 2.81 3.94 -11.39
C PRO A 57 2.58 3.02 -10.20
N THR A 58 3.50 3.14 -9.25
CA THR A 58 3.46 2.43 -7.98
C THR A 58 3.75 3.42 -6.85
N PHE A 59 3.56 3.01 -5.61
CA PHE A 59 3.93 3.82 -4.45
C PHE A 59 5.40 3.62 -4.08
N ALA A 60 6.03 4.71 -3.63
CA ALA A 60 7.37 4.67 -3.08
C ALA A 60 7.22 4.58 -1.57
N TRP A 61 7.81 3.55 -0.97
CA TRP A 61 7.71 3.29 0.45
C TRP A 61 8.84 3.93 1.23
N ILE A 62 8.48 4.63 2.30
CA ILE A 62 9.46 5.21 3.22
C ILE A 62 9.38 4.42 4.54
N SER A 63 10.06 3.27 4.55
CA SER A 63 9.89 2.28 5.63
C SER A 63 10.99 2.34 6.67
N ASP A 64 11.88 3.31 6.54
CA ASP A 64 12.95 3.57 7.50
C ASP A 64 13.47 4.99 7.29
N SER A 65 14.29 5.47 8.21
CA SER A 65 14.80 6.83 8.15
C SER A 65 15.78 7.01 7.00
N ALA A 66 16.59 5.98 6.71
CA ALA A 66 17.56 6.06 5.61
C ALA A 66 16.88 6.40 4.29
N THR A 67 15.67 5.88 4.10
CA THR A 67 14.96 6.06 2.85
C THR A 67 14.47 7.50 2.64
N ILE A 68 14.46 8.30 3.70
CA ILE A 68 14.14 9.73 3.54
C ILE A 68 15.10 10.38 2.53
N ASP A 69 16.34 9.90 2.46
CA ASP A 69 17.35 10.42 1.50
C ASP A 69 16.94 10.28 0.05
N THR A 70 16.01 9.37 -0.24
CA THR A 70 15.56 9.16 -1.62
C THR A 70 14.50 10.17 -2.04
N ILE A 71 13.92 10.87 -1.09
CA ILE A 71 12.75 11.69 -1.38
C ILE A 71 13.07 12.92 -2.25
N GLN A 72 14.09 13.67 -1.87
CA GLN A 72 14.39 14.86 -2.68
C GLN A 72 14.81 14.52 -4.13
N PRO A 73 15.69 13.52 -4.34
CA PRO A 73 15.93 13.13 -5.73
C PRO A 73 14.69 12.67 -6.49
N LEU A 74 13.81 11.94 -5.82
CA LEU A 74 12.53 11.54 -6.41
C LEU A 74 11.71 12.76 -6.85
N ILE A 75 11.61 13.74 -5.95
CA ILE A 75 10.91 15.00 -6.22
C ILE A 75 11.54 15.79 -7.37
N ALA A 76 12.87 15.90 -7.37
CA ALA A 76 13.56 16.61 -8.46
C ALA A 76 13.24 15.96 -9.81
N ASP A 77 13.30 14.62 -9.86
CA ASP A 77 12.94 13.86 -11.06
C ASP A 77 11.50 14.10 -11.45
N ALA A 78 10.62 14.10 -10.46
CA ALA A 78 9.20 14.31 -10.69
C ALA A 78 8.92 15.70 -11.28
N VAL A 79 9.57 16.73 -10.74
CA VAL A 79 9.42 18.08 -11.29
C VAL A 79 9.92 18.13 -12.74
N ALA A 80 11.09 17.54 -13.00
CA ALA A 80 11.63 17.51 -14.37
C ALA A 80 10.64 16.83 -15.31
N HIS A 81 10.07 15.73 -14.86
CA HIS A 81 9.06 15.02 -15.65
C HIS A 81 7.81 15.88 -15.89
N GLN A 82 7.34 16.55 -14.83
CA GLN A 82 6.20 17.45 -14.96
C GLN A 82 6.47 18.54 -15.99
N GLU A 83 7.66 19.16 -15.93
CA GLU A 83 8.04 20.19 -16.90
C GLU A 83 8.07 19.61 -18.31
N ALA A 84 8.69 18.46 -18.47
CA ALA A 84 8.87 17.86 -19.79
C ALA A 84 7.53 17.45 -20.41
N SER A 85 6.69 16.82 -19.58
CA SER A 85 5.48 16.15 -20.07
C SER A 85 4.23 17.03 -20.09
N GLY A 86 4.19 18.05 -19.23
CA GLY A 86 2.95 18.82 -19.04
C GLY A 86 1.88 18.15 -18.19
N GLU A 87 2.21 17.01 -17.57
CA GLU A 87 1.30 16.30 -16.68
C GLU A 87 1.16 16.99 -15.33
N GLN A 88 0.09 16.65 -14.62
CA GLN A 88 -0.03 17.01 -13.21
C GLN A 88 0.47 15.82 -12.42
N VAL A 89 1.73 15.85 -12.06
CA VAL A 89 2.37 14.70 -11.44
C VAL A 89 1.86 14.51 -10.00
N LEU A 90 1.51 13.26 -9.69
CA LEU A 90 1.01 12.91 -8.37
C LEU A 90 1.97 11.88 -7.77
N VAL A 91 2.75 12.32 -6.79
CA VAL A 91 3.73 11.47 -6.14
C VAL A 91 3.05 10.65 -5.07
N GLN A 92 3.18 9.33 -5.14
CA GLN A 92 2.54 8.40 -4.21
C GLN A 92 3.56 7.85 -3.23
N LEU A 93 3.35 8.07 -1.94
CA LEU A 93 4.25 7.66 -0.88
C LEU A 93 3.55 6.85 0.19
N VAL A 94 4.30 5.93 0.82
CA VAL A 94 3.82 5.24 2.03
C VAL A 94 4.73 5.63 3.18
N ILE A 95 4.14 6.09 4.28
CA ILE A 95 4.86 6.35 5.52
C ILE A 95 4.65 5.12 6.42
N TYR A 96 5.74 4.44 6.78
CA TYR A 96 5.64 3.14 7.45
C TYR A 96 6.78 2.96 8.45
N ASN A 97 6.64 3.57 9.62
CA ASN A 97 7.72 3.48 10.59
C ASN A 97 7.30 3.72 12.03
N LEU A 98 6.04 3.41 12.38
CA LEU A 98 5.60 3.59 13.77
C LEU A 98 6.51 2.89 14.76
N PRO A 99 6.60 3.45 15.99
CA PRO A 99 7.36 2.74 17.00
C PRO A 99 6.63 1.46 17.41
N ASP A 100 7.38 0.41 17.77
CA ASP A 100 6.81 -0.91 18.03
C ASP A 100 5.92 -1.34 16.86
N ARG A 101 6.42 -1.10 15.65
CA ARG A 101 5.74 -1.39 14.41
C ARG A 101 5.34 -2.87 14.34
N ASP A 102 4.24 -3.14 13.65
CA ASP A 102 3.82 -4.53 13.39
C ASP A 102 3.67 -5.31 14.68
N CYS A 103 2.89 -4.77 15.60
CA CYS A 103 2.89 -5.28 16.98
C CYS A 103 2.49 -6.75 17.15
N ALA A 104 1.69 -7.27 16.22
CA ALA A 104 1.24 -8.66 16.30
C ALA A 104 2.18 -9.67 15.61
N ALA A 105 3.22 -9.17 14.94
CA ALA A 105 4.20 -10.04 14.27
C ALA A 105 5.22 -10.56 15.28
N LYS A 106 5.69 -11.78 15.06
CA LYS A 106 6.74 -12.35 15.92
C LYS A 106 8.00 -11.48 15.89
N ALA A 107 8.28 -10.90 14.74
CA ALA A 107 9.43 -10.03 14.60
C ALA A 107 9.07 -8.89 13.68
N SER A 108 9.62 -7.71 13.98
CA SER A 108 9.47 -6.54 13.12
C SER A 108 10.83 -5.94 12.85
N ASP A 109 11.01 -5.49 11.61
CA ASP A 109 12.21 -4.78 11.15
CA ASP A 109 12.27 -4.80 11.31
C ASP A 109 12.16 -3.29 11.47
N GLY A 110 11.01 -2.81 11.98
CA GLY A 110 10.85 -1.40 12.28
C GLY A 110 11.96 -0.93 13.20
N GLU A 111 12.56 0.22 12.90
CA GLU A 111 13.74 0.64 13.65
C GLU A 111 13.43 1.36 14.96
N PHE A 112 12.16 1.75 15.20
CA PHE A 112 11.83 2.49 16.40
C PHE A 112 11.12 1.64 17.44
N HIS A 113 11.54 1.77 18.69
CA HIS A 113 10.98 0.99 19.79
C HIS A 113 10.58 1.91 20.92
N LEU A 114 9.38 1.69 21.45
CA LEU A 114 8.86 2.55 22.52
C LEU A 114 9.78 2.64 23.72
N ASP A 115 10.45 1.54 24.06
CA ASP A 115 11.35 1.56 25.20
C ASP A 115 12.72 2.18 24.90
N ASP A 116 12.93 2.61 23.66
CA ASP A 116 14.11 3.38 23.30
C ASP A 116 13.74 4.71 22.63
N ASP A 117 12.88 5.46 23.32
CA ASP A 117 12.48 6.81 22.89
C ASP A 117 11.80 6.81 21.52
N GLY A 118 11.12 5.71 21.20
CA GLY A 118 10.55 5.52 19.87
C GLY A 118 9.49 6.54 19.47
N ALA A 119 8.66 6.98 20.41
CA ALA A 119 7.61 7.96 20.07
C ALA A 119 8.22 9.29 19.61
N ASN A 120 9.23 9.77 20.34
CA ASN A 120 9.90 11.01 19.97
C ASN A 120 10.70 10.86 18.69
N LYS A 121 11.33 9.70 18.53
CA LYS A 121 12.07 9.42 17.30
C LYS A 121 11.16 9.36 16.09
N TYR A 122 9.95 8.82 16.27
CA TYR A 122 9.00 8.78 15.17
C TYR A 122 8.58 10.19 14.76
N ARG A 123 8.29 11.03 15.75
CA ARG A 123 7.97 12.43 15.42
C ARG A 123 9.08 13.08 14.60
N ALA A 124 10.34 12.88 15.00
CA ALA A 124 11.46 13.48 14.27
C ALA A 124 11.60 12.91 12.86
N TYR A 125 11.33 11.62 12.70
CA TYR A 125 11.29 10.98 11.38
C TYR A 125 10.21 11.65 10.51
N VAL A 126 9.03 11.87 11.08
CA VAL A 126 7.98 12.59 10.37
C VAL A 126 8.44 14.01 10.00
N ASP A 127 9.09 14.69 10.95
CA ASP A 127 9.56 16.06 10.72
C ASP A 127 10.59 16.10 9.57
N ARG A 128 11.41 15.07 9.47
CA ARG A 128 12.35 14.96 8.36
C ARG A 128 11.62 14.76 7.02
N ILE A 129 10.57 13.96 7.01
CA ILE A 129 9.75 13.83 5.81
C ILE A 129 9.08 15.17 5.47
N VAL A 130 8.52 15.83 6.46
CA VAL A 130 7.88 17.12 6.24
C VAL A 130 8.84 18.09 5.54
N ALA A 131 10.08 18.15 6.02
CA ALA A 131 11.05 19.07 5.42
C ALA A 131 11.22 18.76 3.94
N GLU A 132 11.30 17.48 3.59
CA GLU A 132 11.47 17.11 2.18
C GLU A 132 10.25 17.43 1.33
N LEU A 133 9.07 17.34 1.95
CA LEU A 133 7.80 17.63 1.27
C LEU A 133 7.41 19.10 1.32
N SER A 134 8.33 19.95 1.77
CA SER A 134 8.05 21.38 1.93
C SER A 134 9.01 22.27 1.14
N THR A 135 9.80 21.69 0.25
CA THR A 135 10.71 22.46 -0.60
C THR A 135 9.94 23.15 -1.72
N ALA A 136 10.59 24.10 -2.39
CA ALA A 136 10.00 24.75 -3.55
C ALA A 136 9.60 23.75 -4.63
N ASP A 137 10.43 22.75 -4.86
CA ASP A 137 10.10 21.69 -5.82
C ASP A 137 8.88 20.88 -5.37
N ALA A 138 8.84 20.50 -4.09
CA ALA A 138 7.68 19.76 -3.58
C ALA A 138 6.38 20.53 -3.79
N ASP A 139 6.43 21.84 -3.57
CA ASP A 139 5.25 22.71 -3.74
C ASP A 139 4.66 22.68 -5.14
N LYS A 140 5.47 22.32 -6.15
CA LYS A 140 5.02 22.24 -7.53
C LYS A 140 4.22 20.97 -7.84
N LEU A 141 4.30 20.00 -6.94
CA LEU A 141 3.72 18.68 -7.16
C LEU A 141 2.49 18.46 -6.27
N HIS A 142 1.78 17.36 -6.51
CA HIS A 142 0.74 16.89 -5.61
C HIS A 142 1.19 15.55 -5.05
N PHE A 143 0.75 15.24 -3.83
CA PHE A 143 1.12 14.00 -3.15
C PHE A 143 -0.11 13.23 -2.69
N SER A 144 -0.04 11.90 -2.82
CA SER A 144 -1.01 10.98 -2.22
C SER A 144 -0.21 10.09 -1.27
N ILE A 145 -0.55 10.10 0.02
CA ILE A 145 0.27 9.43 1.01
C ILE A 145 -0.56 8.45 1.83
N VAL A 146 -0.16 7.19 1.82
CA VAL A 146 -0.75 6.14 2.65
C VAL A 146 -0.04 6.14 4.00
N LEU A 147 -0.82 6.18 5.07
CA LEU A 147 -0.29 6.24 6.42
C LEU A 147 -0.37 4.90 7.14
N GLU A 148 0.82 4.33 7.34
CA GLU A 148 1.05 3.26 8.33
C GLU A 148 0.24 1.97 8.15
N PRO A 149 0.56 1.20 7.11
CA PRO A 149 0.02 -0.14 7.00
C PRO A 149 0.33 -0.99 8.25
N ASP A 150 -0.50 -2.00 8.49
CA ASP A 150 -0.31 -2.95 9.59
CA ASP A 150 -0.30 -2.95 9.58
C ASP A 150 -0.29 -2.28 10.96
N SER A 151 -1.09 -1.24 11.13
CA SER A 151 -1.11 -0.53 12.41
C SER A 151 -2.45 -0.67 13.12
N LEU A 152 -3.43 0.19 12.81
CA LEU A 152 -4.63 0.32 13.64
C LEU A 152 -5.54 -0.90 13.68
N GLY A 153 -5.51 -1.75 12.65
CA GLY A 153 -6.28 -3.00 12.70
C GLY A 153 -5.90 -3.85 13.90
N ASN A 154 -4.64 -3.74 14.35
CA ASN A 154 -4.20 -4.48 15.53
C ASN A 154 -4.94 -4.08 16.80
N MET A 155 -5.38 -2.82 16.86
CA MET A 155 -6.18 -2.36 18.00
C MET A 155 -7.60 -2.91 17.99
N VAL A 156 -8.03 -3.41 16.84
CA VAL A 156 -9.36 -4.01 16.72
C VAL A 156 -9.32 -5.51 17.04
N THR A 157 -8.30 -6.23 16.56
CA THR A 157 -8.30 -7.68 16.64
C THR A 157 -7.17 -8.30 17.46
N ASN A 158 -6.16 -7.52 17.83
CA ASN A 158 -4.95 -8.07 18.45
C ASN A 158 -4.64 -7.48 19.82
N MET A 159 -5.66 -7.02 20.53
CA MET A 159 -5.41 -6.41 21.84
C MET A 159 -5.09 -7.42 22.95
N HIS A 160 -5.18 -8.71 22.63
CA HIS A 160 -4.68 -9.77 23.52
C HIS A 160 -3.16 -9.92 23.44
N VAL A 161 -2.52 -9.25 22.47
CA VAL A 161 -1.09 -9.35 22.28
C VAL A 161 -0.40 -8.27 23.10
N PRO A 162 0.47 -8.66 24.07
CA PRO A 162 1.17 -7.66 24.88
C PRO A 162 1.76 -6.48 24.11
N LYS A 163 2.47 -6.74 23.01
CA LYS A 163 3.09 -5.67 22.25
C LYS A 163 2.02 -4.71 21.68
N CYS A 164 0.90 -5.26 21.23
CA CYS A 164 -0.19 -4.42 20.73
C CYS A 164 -0.84 -3.59 21.85
N GLN A 165 -1.10 -4.22 22.99
CA GLN A 165 -1.60 -3.49 24.15
C GLN A 165 -0.70 -2.30 24.45
N GLY A 166 0.61 -2.55 24.42
CA GLY A 166 1.58 -1.52 24.77
C GLY A 166 1.79 -0.47 23.69
N ALA A 167 1.33 -0.74 22.48
CA ALA A 167 1.57 0.15 21.33
C ALA A 167 0.32 0.93 20.90
N ALA A 168 -0.85 0.54 21.41
CA ALA A 168 -2.13 1.10 20.95
C ALA A 168 -2.16 2.63 20.99
N THR A 169 -1.87 3.22 22.15
CA THR A 169 -1.87 4.66 22.26
C THR A 169 -0.83 5.29 21.33
N ALA A 170 0.35 4.69 21.27
CA ALA A 170 1.43 5.18 20.41
C ALA A 170 1.07 5.14 18.92
N TYR A 171 0.33 4.13 18.48
CA TYR A 171 -0.07 4.07 17.08
C TYR A 171 -1.02 5.20 16.75
N LYS A 172 -2.02 5.40 17.60
CA LYS A 172 -2.96 6.49 17.40
C LYS A 172 -2.26 7.86 17.46
N GLU A 173 -1.41 8.05 18.46
CA GLU A 173 -0.72 9.32 18.61
C GLU A 173 0.28 9.56 17.48
N GLY A 174 0.92 8.49 17.00
CA GLY A 174 1.88 8.60 15.91
C GLY A 174 1.20 9.00 14.62
N ILE A 175 0.16 8.26 14.25
CA ILE A 175 -0.58 8.58 13.03
C ILE A 175 -1.20 9.98 13.13
N ALA A 176 -1.69 10.33 14.32
CA ALA A 176 -2.27 11.65 14.51
C ALA A 176 -1.24 12.74 14.23
N TYR A 177 -0.01 12.54 14.71
CA TYR A 177 1.05 13.51 14.45
C TYR A 177 1.36 13.60 12.95
N THR A 178 1.42 12.46 12.28
CA THR A 178 1.68 12.45 10.85
C THR A 178 0.59 13.23 10.09
N ILE A 179 -0.68 12.98 10.44
CA ILE A 179 -1.79 13.72 9.82
C ILE A 179 -1.64 15.21 10.11
N ALA A 180 -1.44 15.56 11.38
CA ALA A 180 -1.38 16.97 11.79
C ALA A 180 -0.22 17.72 11.15
N SER A 181 0.83 16.99 10.77
CA SER A 181 2.07 17.55 10.23
C SER A 181 2.07 17.73 8.73
N LEU A 182 1.06 17.17 8.06
CA LEU A 182 1.05 17.10 6.60
C LEU A 182 -0.23 17.70 6.02
N GLN A 183 -0.68 18.81 6.62
CA GLN A 183 -1.84 19.54 6.13
C GLN A 183 -1.36 20.61 5.17
N LYS A 184 -1.50 20.32 3.88
CA LYS A 184 -1.09 21.25 2.82
C LYS A 184 -2.06 21.09 1.66
N PRO A 185 -2.28 22.16 0.87
CA PRO A 185 -3.25 22.04 -0.22
C PRO A 185 -2.87 21.00 -1.28
N ASN A 186 -1.58 20.68 -1.38
CA ASN A 186 -1.10 19.74 -2.40
C ASN A 186 -0.84 18.33 -1.86
N ILE A 187 -1.37 18.01 -0.68
CA ILE A 187 -1.20 16.68 -0.09
C ILE A 187 -2.56 16.09 0.29
N ASP A 188 -2.83 14.88 -0.18
CA ASP A 188 -3.98 14.10 0.26
C ASP A 188 -3.49 12.88 1.02
N LEU A 189 -4.11 12.62 2.16
CA LEU A 189 -3.72 11.56 3.08
C LEU A 189 -4.78 10.47 3.14
N TYR A 190 -4.33 9.22 3.13
CA TYR A 190 -5.20 8.06 3.26
C TYR A 190 -4.67 7.20 4.40
N ILE A 191 -5.46 7.04 5.46
CA ILE A 191 -5.05 6.17 6.56
C ILE A 191 -5.20 4.70 6.12
N ASP A 192 -4.18 3.87 6.36
CA ASP A 192 -4.33 2.47 6.04
C ASP A 192 -5.49 1.85 6.83
N ALA A 193 -6.30 1.05 6.14
CA ALA A 193 -7.46 0.41 6.78
C ALA A 193 -7.48 -1.10 6.49
N ALA A 194 -6.30 -1.70 6.40
CA ALA A 194 -6.21 -3.15 6.25
C ALA A 194 -6.98 -3.63 5.02
N HIS A 195 -7.67 -4.78 5.12
CA HIS A 195 -8.33 -5.38 3.97
C HIS A 195 -9.58 -6.10 4.49
N GLY A 196 -10.43 -6.55 3.58
CA GLY A 196 -11.71 -7.13 3.99
C GLY A 196 -11.59 -8.32 4.91
N GLY A 197 -10.55 -9.11 4.74
CA GLY A 197 -10.33 -10.33 5.54
C GLY A 197 -9.85 -10.04 6.95
N TRP A 198 -9.44 -8.81 7.21
CA TRP A 198 -9.01 -8.40 8.53
C TRP A 198 -10.16 -7.68 9.25
N LEU A 199 -10.58 -6.56 8.69
CA LEU A 199 -11.53 -5.68 9.38
C LEU A 199 -12.97 -5.72 8.84
N GLY A 200 -13.22 -6.58 7.85
CA GLY A 200 -14.55 -6.65 7.23
C GLY A 200 -15.59 -7.48 7.99
N TRP A 201 -15.14 -8.34 8.90
CA TRP A 201 -16.03 -9.14 9.73
C TRP A 201 -17.00 -8.24 10.46
N ASN A 202 -18.25 -8.70 10.61
CA ASN A 202 -19.31 -7.85 11.15
C ASN A 202 -18.94 -7.09 12.41
N ASP A 203 -18.30 -7.76 13.35
CA ASP A 203 -18.02 -7.13 14.63
C ASP A 203 -16.78 -6.24 14.62
N ASN A 204 -16.07 -6.19 13.50
CA ASN A 204 -14.87 -5.36 13.38
C ASN A 204 -15.12 -4.01 12.73
N LEU A 205 -16.25 -3.88 12.05
CA LEU A 205 -16.48 -2.68 11.24
C LEU A 205 -16.64 -1.42 12.08
N ARG A 206 -17.51 -1.47 13.08
CA ARG A 206 -17.75 -0.32 13.93
C ARG A 206 -16.50 0.11 14.72
N PRO A 207 -15.83 -0.81 15.44
CA PRO A 207 -14.60 -0.39 16.13
C PRO A 207 -13.51 0.15 15.21
N SER A 208 -13.45 -0.34 13.97
CA SER A 208 -12.51 0.20 12.98
C SER A 208 -12.84 1.66 12.65
N ALA A 209 -14.10 1.90 12.29
CA ALA A 209 -14.55 3.28 12.03
C ALA A 209 -14.25 4.17 13.23
N GLU A 210 -14.55 3.68 14.43
CA GLU A 210 -14.32 4.47 15.62
C GLU A 210 -12.85 4.82 15.81
N ILE A 211 -11.96 3.88 15.59
CA ILE A 211 -10.53 4.17 15.79
C ILE A 211 -9.97 5.13 14.75
N PHE A 212 -10.47 5.07 13.51
CA PHE A 212 -10.04 6.02 12.50
C PHE A 212 -10.49 7.43 12.92
N LYS A 213 -11.73 7.54 13.40
CA LYS A 213 -12.23 8.82 13.86
C LYS A 213 -11.48 9.33 15.09
N GLU A 214 -11.18 8.42 16.02
CA GLU A 214 -10.43 8.77 17.22
C GLU A 214 -9.07 9.34 16.86
N THR A 215 -8.41 8.73 15.88
CA THR A 215 -7.10 9.15 15.43
C THR A 215 -7.17 10.52 14.75
N LEU A 216 -8.16 10.71 13.89
CA LEU A 216 -8.38 12.00 13.27
C LEU A 216 -8.64 13.09 14.32
N ASP A 217 -9.43 12.75 15.34
CA ASP A 217 -9.72 13.71 16.41
C ASP A 217 -8.45 14.11 17.17
N LEU A 218 -7.57 13.14 17.44
CA LEU A 218 -6.28 13.48 18.04
C LEU A 218 -5.49 14.42 17.14
N ALA A 219 -5.52 14.17 15.84
CA ALA A 219 -4.79 15.02 14.92
C ALA A 219 -5.28 16.48 15.00
N ARG A 220 -6.59 16.63 15.18
CA ARG A 220 -7.21 17.95 15.25
C ARG A 220 -6.92 18.70 16.54
N GLN A 221 -6.43 18.01 17.57
CA GLN A 221 -5.95 18.64 18.80
C GLN A 221 -4.51 19.15 18.65
N ILE A 222 -3.87 18.81 17.55
CA ILE A 222 -2.53 19.29 17.22
C ILE A 222 -2.63 20.42 16.19
N THR A 223 -3.29 20.12 15.07
CA THR A 223 -3.54 21.07 13.99
C THR A 223 -5.05 21.22 13.82
N PRO A 224 -5.64 22.33 14.31
CA PRO A 224 -7.10 22.46 14.53
C PRO A 224 -8.09 21.94 13.46
N ASN A 225 -7.89 22.26 12.19
CA ASN A 225 -8.85 21.82 11.18
C ASN A 225 -8.28 20.71 10.28
N ALA A 226 -7.40 19.89 10.86
CA ALA A 226 -6.76 18.81 10.12
C ALA A 226 -7.78 17.85 9.53
N THR A 227 -7.52 17.39 8.31
CA THR A 227 -8.38 16.46 7.60
CA THR A 227 -8.36 16.34 7.75
C THR A 227 -7.54 15.35 6.96
N VAL A 228 -8.21 14.27 6.55
CA VAL A 228 -7.62 13.28 5.65
C VAL A 228 -8.61 13.09 4.50
N ARG A 229 -8.14 12.55 3.39
CA ARG A 229 -9.01 12.25 2.28
C ARG A 229 -9.85 11.01 2.58
N GLY A 230 -9.27 10.02 3.26
CA GLY A 230 -9.98 8.78 3.52
C GLY A 230 -9.04 7.66 3.92
N LEU A 231 -9.25 6.50 3.31
CA LEU A 231 -8.58 5.25 3.68
C LEU A 231 -7.93 4.58 2.50
N ALA A 232 -6.90 3.78 2.78
CA ALA A 232 -6.28 2.91 1.77
C ALA A 232 -6.54 1.48 2.19
N ILE A 233 -6.98 0.63 1.26
CA ILE A 233 -7.28 -0.76 1.61
C ILE A 233 -6.55 -1.72 0.68
N ASN A 234 -6.38 -2.93 1.18
CA ASN A 234 -5.75 -4.05 0.47
C ASN A 234 -4.25 -3.89 0.24
N VAL A 235 -3.63 -2.91 0.90
CA VAL A 235 -2.21 -2.66 0.74
C VAL A 235 -1.42 -3.94 1.03
N SER A 236 -0.59 -4.33 0.04
CA SER A 236 0.26 -5.53 0.15
C SER A 236 -0.50 -6.86 0.17
N ASN A 237 -1.82 -6.81 -0.02
CA ASN A 237 -2.60 -8.02 -0.05
C ASN A 237 -3.01 -8.38 -1.49
N TYR A 238 -3.92 -9.33 -1.63
CA TYR A 238 -4.18 -9.98 -2.91
C TYR A 238 -5.65 -10.04 -3.23
N ASN A 239 -6.50 -9.50 -2.34
CA ASN A 239 -7.93 -9.62 -2.51
C ASN A 239 -8.37 -9.02 -3.83
N PRO A 240 -9.32 -9.66 -4.52
CA PRO A 240 -9.81 -9.09 -5.76
C PRO A 240 -10.68 -7.86 -5.47
N TYR A 241 -10.81 -6.98 -6.45
CA TYR A 241 -11.73 -5.85 -6.34
C TYR A 241 -13.18 -6.34 -6.40
N LYS A 242 -13.53 -6.99 -7.51
CA LYS A 242 -14.81 -7.71 -7.60
C LYS A 242 -14.50 -9.17 -7.88
N THR A 243 -14.91 -10.05 -6.98
CA THR A 243 -14.60 -11.46 -7.14
C THR A 243 -15.41 -12.06 -8.28
N ARG A 244 -14.80 -13.00 -8.99
CA ARG A 244 -15.53 -13.77 -9.99
C ARG A 244 -16.09 -15.03 -9.35
N ALA A 245 -15.28 -15.66 -8.50
CA ALA A 245 -15.68 -16.87 -7.79
C ALA A 245 -15.41 -16.70 -6.29
N ARG A 246 -16.42 -16.24 -5.57
CA ARG A 246 -16.32 -15.93 -4.13
C ARG A 246 -15.80 -17.09 -3.28
N GLU A 247 -14.70 -16.89 -2.56
CA GLU A 247 -13.97 -18.01 -1.97
C GLU A 247 -14.52 -18.52 -0.64
N ASP A 248 -14.41 -19.82 -0.42
CA ASP A 248 -14.98 -20.44 0.76
C ASP A 248 -14.48 -19.84 2.07
N TYR A 249 -13.22 -19.40 2.11
CA TYR A 249 -12.69 -18.80 3.34
C TYR A 249 -13.32 -17.45 3.70
N THR A 250 -14.08 -16.87 2.77
CA THR A 250 -14.75 -15.59 3.04
C THR A 250 -16.13 -15.76 3.68
N GLU A 251 -16.51 -17.01 3.92
CA GLU A 251 -17.82 -17.28 4.50
C GLU A 251 -18.07 -16.50 5.78
N TRP A 252 -19.24 -15.86 5.82
CA TRP A 252 -19.70 -15.03 6.94
C TRP A 252 -19.01 -13.67 6.98
N ASN A 253 -18.23 -13.33 5.95
CA ASN A 253 -17.65 -12.00 5.80
C ASN A 253 -18.28 -11.31 4.58
N ASN A 254 -18.94 -10.19 4.82
CA ASN A 254 -19.61 -9.45 3.75
C ASN A 254 -18.64 -8.65 2.88
N ALA A 255 -17.40 -8.56 3.33
CA ALA A 255 -16.32 -7.87 2.62
C ALA A 255 -15.46 -8.89 1.88
N TYR A 256 -16.12 -9.74 1.09
CA TYR A 256 -15.49 -10.88 0.44
C TYR A 256 -14.67 -10.51 -0.81
N ASP A 257 -14.78 -9.26 -1.23
CA ASP A 257 -13.84 -8.64 -2.17
C ASP A 257 -13.71 -7.19 -1.72
N GLU A 258 -12.77 -6.45 -2.28
CA GLU A 258 -12.48 -5.12 -1.75
C GLU A 258 -13.56 -4.09 -2.08
N TRP A 259 -14.22 -4.27 -3.21
CA TRP A 259 -15.37 -3.42 -3.56
C TRP A 259 -16.47 -3.57 -2.51
N ASN A 260 -16.74 -4.81 -2.10
CA ASN A 260 -17.68 -5.03 -1.01
C ASN A 260 -17.16 -4.57 0.36
N TYR A 261 -15.85 -4.58 0.56
CA TYR A 261 -15.29 -4.00 1.78
C TYR A 261 -15.63 -2.50 1.84
N VAL A 262 -15.41 -1.78 0.74
CA VAL A 262 -15.79 -0.37 0.66
C VAL A 262 -17.26 -0.19 1.00
N LYS A 263 -18.12 -0.97 0.34
CA LYS A 263 -19.56 -0.78 0.50
C LYS A 263 -20.02 -1.08 1.92
N THR A 264 -19.39 -2.05 2.57
CA THR A 264 -19.81 -2.43 3.90
C THR A 264 -19.20 -1.57 5.02
N LEU A 265 -17.99 -1.06 4.80
CA LEU A 265 -17.37 -0.17 5.79
C LEU A 265 -17.92 1.25 5.72
N THR A 266 -18.22 1.74 4.52
CA THR A 266 -18.65 3.12 4.29
C THR A 266 -19.73 3.63 5.28
N PRO A 267 -20.85 2.89 5.48
CA PRO A 267 -21.88 3.41 6.41
C PRO A 267 -21.37 3.66 7.82
N HIS A 268 -20.41 2.85 8.28
CA HIS A 268 -19.84 3.03 9.61
C HIS A 268 -18.98 4.29 9.68
N LEU A 269 -18.19 4.51 8.63
CA LEU A 269 -17.42 5.76 8.53
C LEU A 269 -18.36 6.97 8.54
N GLN A 270 -19.43 6.90 7.75
CA GLN A 270 -20.41 7.98 7.69
C GLN A 270 -21.02 8.22 9.08
N ALA A 271 -21.34 7.14 9.80
CA ALA A 271 -21.98 7.24 11.11
C ALA A 271 -21.11 7.95 12.14
N VAL A 272 -19.79 7.77 12.05
CA VAL A 272 -18.88 8.37 13.01
C VAL A 272 -18.30 9.70 12.53
N GLY A 273 -18.60 10.09 11.29
CA GLY A 273 -18.10 11.36 10.74
C GLY A 273 -16.67 11.30 10.25
N PHE A 274 -16.26 10.16 9.69
CA PHE A 274 -14.93 9.99 9.11
C PHE A 274 -15.08 9.93 7.58
N PRO A 275 -14.20 10.62 6.82
CA PRO A 275 -14.39 10.62 5.35
C PRO A 275 -14.33 9.26 4.69
N ALA A 276 -15.33 8.96 3.87
CA ALA A 276 -15.48 7.64 3.27
C ALA A 276 -15.03 7.61 1.81
N GLN A 277 -13.79 8.02 1.58
CA GLN A 277 -13.17 7.89 0.26
C GLN A 277 -11.99 6.94 0.38
N PHE A 278 -11.82 6.11 -0.65
CA PHE A 278 -10.84 5.03 -0.59
C PHE A 278 -9.92 5.01 -1.80
N ILE A 279 -8.68 4.57 -1.58
CA ILE A 279 -7.86 4.04 -2.66
C ILE A 279 -7.63 2.57 -2.35
N VAL A 280 -7.51 1.76 -3.41
CA VAL A 280 -7.51 0.31 -3.27
C VAL A 280 -6.33 -0.28 -4.01
N ASP A 281 -5.45 -0.97 -3.27
CA ASP A 281 -4.32 -1.66 -3.90
C ASP A 281 -4.87 -2.85 -4.69
N GLN A 282 -4.48 -2.97 -5.97
CA GLN A 282 -4.79 -4.16 -6.78
C GLN A 282 -3.56 -4.70 -7.49
N GLY A 283 -2.37 -4.31 -7.07
CA GLY A 283 -1.15 -4.69 -7.76
C GLY A 283 -0.89 -6.17 -7.83
N ARG A 284 -1.44 -6.96 -6.90
CA ARG A 284 -1.22 -8.40 -6.89
C ARG A 284 -2.54 -9.18 -6.82
N SER A 285 -3.59 -8.59 -7.40
CA SER A 285 -4.96 -9.09 -7.23
C SER A 285 -5.54 -9.77 -8.47
N GLY A 286 -4.73 -10.00 -9.50
CA GLY A 286 -5.30 -10.50 -10.77
C GLY A 286 -5.82 -11.93 -10.75
N ARG A 287 -5.22 -12.78 -9.90
CA ARG A 287 -5.58 -14.19 -9.85
C ARG A 287 -6.15 -14.54 -8.49
N GLU A 288 -7.33 -15.16 -8.51
CA GLU A 288 -7.99 -15.65 -7.30
C GLU A 288 -7.72 -17.14 -7.14
N GLY A 289 -8.19 -17.73 -6.03
CA GLY A 289 -8.00 -19.15 -5.77
C GLY A 289 -6.54 -19.56 -5.63
N ILE A 290 -5.73 -18.65 -5.09
CA ILE A 290 -4.31 -18.89 -4.89
C ILE A 290 -3.96 -19.18 -3.43
N ARG A 291 -4.94 -18.97 -2.54
CA ARG A 291 -4.76 -19.21 -1.10
C ARG A 291 -5.76 -20.23 -0.61
N THR A 292 -5.39 -20.98 0.43
CA THR A 292 -6.34 -21.86 1.10
C THR A 292 -6.93 -21.21 2.36
N GLU A 293 -6.24 -20.19 2.87
CA GLU A 293 -6.69 -19.46 4.06
C GLU A 293 -6.52 -17.97 3.79
N TRP A 294 -7.46 -17.16 4.29
CA TRP A 294 -7.44 -15.72 4.01
C TRP A 294 -6.20 -15.05 4.59
N GLY A 295 -5.69 -15.58 5.70
CA GLY A 295 -4.55 -15.01 6.40
C GLY A 295 -3.19 -15.31 5.79
N GLN A 296 -3.16 -16.01 4.68
CA GLN A 296 -1.89 -16.25 3.96
C GLN A 296 -1.56 -14.98 3.18
N TRP A 297 -0.35 -14.45 3.40
CA TRP A 297 0.03 -13.15 2.84
C TRP A 297 1.42 -13.11 2.20
N CYS A 298 2.27 -14.09 2.50
CA CYS A 298 3.67 -13.96 2.09
C CYS A 298 3.96 -14.64 0.76
N ASN A 299 4.30 -13.82 -0.24
CA ASN A 299 4.71 -14.29 -1.58
C ASN A 299 3.78 -15.35 -2.15
N ILE A 300 2.49 -15.05 -2.21
CA ILE A 300 1.53 -16.07 -2.62
C ILE A 300 1.74 -16.48 -4.07
N ARG A 301 1.99 -17.78 -4.26
CA ARG A 301 2.38 -18.30 -5.56
C ARG A 301 1.28 -18.11 -6.60
N ASN A 302 1.70 -17.75 -7.81
CA ASN A 302 0.81 -17.53 -8.96
C ASN A 302 -0.03 -16.28 -8.89
N ALA A 303 0.28 -15.38 -7.94
CA ALA A 303 -0.34 -14.05 -7.95
C ALA A 303 -0.15 -13.39 -9.31
N GLY A 304 -1.18 -12.64 -9.72
CA GLY A 304 -1.15 -11.90 -10.97
C GLY A 304 -1.28 -10.41 -10.74
N PHE A 305 -0.69 -9.60 -11.60
CA PHE A 305 -1.01 -8.17 -11.60
C PHE A 305 -2.52 -8.01 -11.79
N GLY A 306 -3.13 -7.12 -11.02
CA GLY A 306 -4.56 -6.87 -11.12
C GLY A 306 -4.91 -5.68 -11.99
N ILE A 307 -6.13 -5.18 -11.81
CA ILE A 307 -6.62 -4.01 -12.52
C ILE A 307 -5.59 -2.90 -12.41
N ARG A 308 -5.24 -2.30 -13.55
CA ARG A 308 -4.24 -1.24 -13.54
C ARG A 308 -4.79 0.02 -12.88
N PRO A 309 -3.90 0.82 -12.30
CA PRO A 309 -4.30 2.07 -11.66
C PRO A 309 -5.24 2.88 -12.54
N THR A 310 -6.36 3.30 -11.97
CA THR A 310 -7.41 3.96 -12.73
C THR A 310 -8.38 4.70 -11.81
N THR A 311 -9.00 5.74 -12.35
CA THR A 311 -10.12 6.41 -11.71
C THR A 311 -11.44 6.14 -12.46
N ASP A 312 -11.38 5.34 -13.53
CA ASP A 312 -12.55 5.12 -14.39
C ASP A 312 -13.70 4.48 -13.62
N GLN A 313 -14.81 5.21 -13.47
CA GLN A 313 -15.95 4.71 -12.71
C GLN A 313 -16.67 3.53 -13.36
N ALA A 314 -16.45 3.31 -14.65
CA ALA A 314 -16.96 2.11 -15.32
C ALA A 314 -16.34 0.85 -14.71
N ILE A 315 -15.15 0.99 -14.12
CA ILE A 315 -14.43 -0.11 -13.48
C ILE A 315 -14.58 -0.02 -11.97
N VAL A 316 -14.34 1.17 -11.44
CA VAL A 316 -14.34 1.41 -10.01
C VAL A 316 -15.76 1.25 -9.41
N ASP A 317 -16.76 1.78 -10.10
CA ASP A 317 -18.17 1.50 -9.77
C ASP A 317 -18.51 1.83 -8.31
N SER A 318 -18.03 2.97 -7.84
CA SER A 318 -18.36 3.46 -6.49
C SER A 318 -17.93 4.90 -6.31
N ALA A 319 -18.86 5.76 -5.90
CA ALA A 319 -18.54 7.14 -5.57
C ALA A 319 -17.56 7.23 -4.40
N ASN A 320 -17.52 6.18 -3.57
CA ASN A 320 -16.60 6.16 -2.43
C ASN A 320 -15.17 5.73 -2.76
N VAL A 321 -14.89 5.36 -4.00
CA VAL A 321 -13.55 4.96 -4.38
C VAL A 321 -12.95 6.03 -5.30
N ASP A 322 -11.87 6.65 -4.83
CA ASP A 322 -11.14 7.62 -5.62
C ASP A 322 -10.39 6.96 -6.77
N ALA A 323 -9.71 5.85 -6.48
CA ALA A 323 -8.86 5.21 -7.47
C ALA A 323 -8.48 3.81 -7.03
N ILE A 324 -8.28 2.96 -8.03
CA ILE A 324 -7.50 1.74 -7.86
C ILE A 324 -6.04 2.14 -8.11
N VAL A 325 -5.15 1.65 -7.25
CA VAL A 325 -3.73 2.01 -7.27
C VAL A 325 -2.91 0.73 -7.07
N TRP A 326 -1.60 0.82 -7.27
CA TRP A 326 -0.67 -0.27 -6.96
C TRP A 326 0.26 0.23 -5.87
N VAL A 327 0.01 -0.22 -4.64
CA VAL A 327 0.77 0.28 -3.48
C VAL A 327 2.01 -0.58 -3.22
N LYS A 328 1.82 -1.86 -2.90
CA LYS A 328 2.93 -2.79 -2.79
C LYS A 328 3.51 -3.06 -4.18
N PRO A 329 4.82 -2.80 -4.40
CA PRO A 329 5.37 -3.03 -5.74
C PRO A 329 5.67 -4.50 -6.00
N GLY A 330 4.93 -5.10 -6.94
CA GLY A 330 5.06 -6.52 -7.24
C GLY A 330 6.47 -6.87 -7.66
N GLY A 331 7.02 -7.93 -7.06
CA GLY A 331 8.40 -8.33 -7.31
C GLY A 331 9.31 -8.08 -6.13
N GLU A 332 8.94 -7.12 -5.29
CA GLU A 332 9.67 -6.93 -4.04
C GLU A 332 9.17 -7.98 -3.06
N SER A 333 10.05 -8.87 -2.62
CA SER A 333 9.66 -10.00 -1.79
C SER A 333 8.97 -9.56 -0.50
N ASP A 334 8.01 -10.35 -0.04
CA ASP A 334 7.36 -10.14 1.25
C ASP A 334 8.20 -10.69 2.42
N GLY A 335 9.22 -11.48 2.11
CA GLY A 335 10.03 -12.13 3.15
C GLY A 335 10.71 -13.36 2.62
N THR A 336 11.79 -13.75 3.29
CA THR A 336 12.56 -14.93 2.88
C THR A 336 11.91 -16.25 3.29
N SER A 337 12.13 -17.26 2.47
CA SER A 337 11.68 -18.61 2.76
C SER A 337 12.75 -19.44 3.50
N ASP A 338 13.96 -18.89 3.64
CA ASP A 338 15.08 -19.63 4.22
C ASP A 338 14.93 -19.75 5.73
N VAL A 339 14.68 -20.99 6.20
CA VAL A 339 14.47 -21.29 7.61
CA VAL A 339 14.48 -21.30 7.61
C VAL A 339 15.63 -20.79 8.50
N ASN A 340 16.83 -20.71 7.94
CA ASN A 340 18.00 -20.29 8.68
C ASN A 340 18.26 -18.78 8.70
N ALA A 341 17.45 -18.02 7.95
CA ALA A 341 17.69 -16.59 7.83
C ALA A 341 17.40 -15.92 9.15
N VAL A 342 18.18 -14.91 9.49
CA VAL A 342 17.96 -14.17 10.73
C VAL A 342 16.53 -13.63 10.79
N ARG A 343 16.02 -13.19 9.65
CA ARG A 343 14.66 -12.63 9.55
C ARG A 343 13.60 -13.61 9.03
N PHE A 344 13.89 -14.90 9.08
CA PHE A 344 12.90 -15.89 8.63
C PHE A 344 11.54 -15.70 9.28
N ASP A 345 10.49 -15.68 8.46
CA ASP A 345 9.10 -15.65 8.93
C ASP A 345 8.41 -16.91 8.43
N GLU A 346 7.89 -17.72 9.34
CA GLU A 346 7.26 -18.99 8.96
C GLU A 346 6.07 -18.84 8.01
N ASN A 347 5.43 -17.67 8.02
CA ASN A 347 4.36 -17.38 7.07
C ASN A 347 4.83 -17.49 5.62
N CYS A 348 6.13 -17.29 5.41
CA CYS A 348 6.72 -17.30 4.08
C CYS A 348 7.03 -18.71 3.60
N ARG A 349 6.74 -19.71 4.43
CA ARG A 349 6.70 -21.11 3.99
C ARG A 349 5.29 -21.70 4.10
N SER A 350 4.26 -20.85 4.03
CA SER A 350 2.88 -21.34 4.00
C SER A 350 2.71 -22.26 2.78
N PRO A 351 1.72 -23.18 2.83
CA PRO A 351 1.47 -24.03 1.65
C PRO A 351 1.15 -23.26 0.37
N ALA A 352 0.78 -21.98 0.48
CA ALA A 352 0.45 -21.15 -0.68
C ALA A 352 1.60 -20.25 -1.12
N SER A 353 2.71 -20.27 -0.38
CA SER A 353 3.81 -19.35 -0.66
C SER A 353 4.73 -19.89 -1.75
N HIS A 354 5.29 -18.96 -2.53
CA HIS A 354 6.27 -19.23 -3.57
C HIS A 354 7.65 -19.33 -2.91
N VAL A 355 8.22 -20.53 -2.97
CA VAL A 355 9.51 -20.83 -2.34
C VAL A 355 10.43 -21.42 -3.43
N PRO A 356 11.75 -21.12 -3.39
CA PRO A 356 12.44 -20.21 -2.46
C PRO A 356 12.19 -18.74 -2.79
N ALA A 357 12.18 -17.92 -1.74
CA ALA A 357 11.99 -16.49 -1.86
C ALA A 357 13.13 -15.78 -1.15
N PRO A 358 13.57 -14.65 -1.72
CA PRO A 358 14.67 -13.90 -1.10
C PRO A 358 14.17 -13.01 0.04
N GLU A 359 15.12 -12.36 0.71
CA GLU A 359 14.80 -11.47 1.82
C GLU A 359 13.77 -10.41 1.44
N ALA A 360 12.99 -9.98 2.43
CA ALA A 360 12.00 -8.94 2.25
C ALA A 360 12.62 -7.75 1.50
N GLY A 361 11.90 -7.26 0.50
CA GLY A 361 12.34 -6.10 -0.28
C GLY A 361 13.24 -6.43 -1.44
N GLU A 362 13.86 -7.60 -1.41
CA GLU A 362 14.73 -8.01 -2.49
C GLU A 362 13.92 -8.44 -3.69
N TRP A 363 14.55 -8.36 -4.85
CA TRP A 363 13.88 -8.65 -6.10
C TRP A 363 13.67 -10.15 -6.26
N PHE A 364 12.43 -10.52 -6.57
CA PHE A 364 12.02 -11.91 -6.71
C PHE A 364 11.56 -12.09 -8.16
N ASN A 365 12.52 -12.31 -9.05
CA ASN A 365 12.22 -12.28 -10.48
C ASN A 365 11.19 -13.32 -10.94
N GLU A 366 11.30 -14.53 -10.40
CA GLU A 366 10.38 -15.63 -10.75
C GLU A 366 8.93 -15.24 -10.42
N PHE A 367 8.78 -14.50 -9.32
CA PHE A 367 7.48 -14.05 -8.88
C PHE A 367 6.88 -13.03 -9.85
N VAL A 368 7.72 -12.13 -10.37
CA VAL A 368 7.26 -11.14 -11.35
C VAL A 368 6.91 -11.79 -12.68
N VAL A 369 7.71 -12.77 -13.10
CA VAL A 369 7.37 -13.53 -14.29
C VAL A 369 5.91 -14.02 -14.17
N ASN A 370 5.58 -14.60 -13.01
CA ASN A 370 4.22 -15.08 -12.80
C ASN A 370 3.18 -13.98 -12.66
N LEU A 371 3.57 -12.83 -12.09
CA LEU A 371 2.65 -11.69 -12.04
C LEU A 371 2.23 -11.23 -13.43
N VAL A 372 3.18 -11.23 -14.36
CA VAL A 372 2.90 -10.88 -15.75
C VAL A 372 1.99 -11.92 -16.40
N ILE A 373 2.37 -13.19 -16.29
CA ILE A 373 1.65 -14.27 -16.95
C ILE A 373 0.22 -14.41 -16.42
N ASN A 374 0.05 -14.18 -15.13
CA ASN A 374 -1.25 -14.32 -14.46
C ASN A 374 -2.02 -13.02 -14.30
N ALA A 375 -1.56 -11.97 -14.96
CA ALA A 375 -2.28 -10.69 -14.90
C ALA A 375 -3.71 -10.81 -15.39
N ASN A 376 -4.63 -10.14 -14.73
CA ASN A 376 -6.02 -10.08 -15.18
CA ASN A 376 -6.01 -10.07 -15.19
C ASN A 376 -6.56 -8.69 -14.88
N PRO A 377 -7.04 -7.96 -15.91
CA PRO A 377 -7.08 -8.32 -17.33
C PRO A 377 -5.66 -8.55 -17.88
N PRO A 378 -5.52 -9.31 -18.98
CA PRO A 378 -4.18 -9.49 -19.53
C PRO A 378 -3.51 -8.15 -19.77
N LEU A 379 -2.20 -8.10 -19.60
CA LEU A 379 -1.48 -6.87 -19.88
C LEU A 379 -1.46 -6.61 -21.38
N GLU A 380 -1.74 -5.37 -21.77
CA GLU A 380 -1.56 -4.94 -23.15
CA GLU A 380 -1.55 -4.99 -23.16
C GLU A 380 -0.07 -4.74 -23.39
N PRO A 381 0.48 -5.30 -24.49
CA PRO A 381 1.92 -5.13 -24.71
C PRO A 381 2.28 -3.72 -25.18
N THR A 382 3.48 -3.28 -24.80
CA THR A 382 4.03 -2.04 -25.31
C THR A 382 5.21 -2.39 -26.22
N TYR A 383 5.00 -2.16 -27.52
CA TYR A 383 6.02 -2.35 -28.52
C TYR A 383 6.55 -1.00 -28.96
N ALA A 384 7.86 -0.91 -29.17
CA ALA A 384 8.48 0.32 -29.63
C ALA A 384 7.99 0.67 -31.03
N ALA A 385 7.93 1.96 -31.31
CA ALA A 385 7.48 2.47 -32.62
C ALA A 385 8.37 1.97 -33.75
C2 BGC B . -5.32 -10.95 8.13
C3 BGC B . -3.84 -10.79 7.81
C4 BGC B . -3.06 -10.10 8.94
C5 BGC B . -3.43 -10.66 10.32
C6 BGC B . -2.87 -9.77 11.43
C1 BGC B . -5.52 -11.58 9.51
O1 BGC B . -6.92 -11.59 9.82
O2 BGC B . -5.88 -11.76 7.10
O3 BGC B . -3.74 -10.04 6.59
O4 BGC B . -1.66 -10.34 8.73
O5 BGC B . -4.86 -10.78 10.49
O6 BGC B . -3.17 -10.34 12.72
C2 BGC B . 0.58 -9.64 8.25
C3 BGC B . 1.41 -8.54 7.60
C4 BGC B . 0.92 -8.24 6.19
C5 BGC B . -0.59 -8.01 6.15
C6 BGC B . -1.11 -7.98 4.73
C1 BGC B . -0.91 -9.27 8.19
O2 BGC B . 0.97 -9.79 9.62
O3 BGC B . 2.78 -8.95 7.55
O4 BGC B . 1.61 -7.09 5.69
O5 BGC B . -1.28 -9.08 6.82
O6 BGC B . -2.53 -7.83 4.75
MG MG C . 15.60 -3.88 14.30
MG MG D . 18.86 -11.30 -8.26
C2 BGC E . 8.77 -3.72 3.68
C3 BGC E . 9.64 -2.66 3.02
C4 BGC E . 9.36 -2.55 1.52
C5 BGC E . 7.85 -2.52 1.22
C6 BGC E . 7.56 -2.57 -0.28
C1 BGC E . 7.31 -3.55 3.29
O1 BGC E . 6.52 -4.58 3.88
O2 BGC E . 8.91 -3.63 5.11
O3 BGC E . 11.02 -2.98 3.19
O4 BGC E . 10.02 -1.37 1.02
O5 BGC E . 7.20 -3.61 1.88
O6 BGC E . 8.06 -3.79 -0.88
#